data_8YV7
#
_entry.id   8YV7
#
_cell.length_a   57.329
_cell.length_b   65.098
_cell.length_c   65.322
_cell.angle_alpha   80.620
_cell.angle_beta   72.760
_cell.angle_gamma   63.980
#
_symmetry.space_group_name_H-M   'P 1'
#
_entity_poly.entity_id   1
_entity_poly.type   'polypeptide(L)'
_entity_poly.pdbx_seq_one_letter_code
;MKNFEIVTVTPDHAEQLISMIHELAEFEKMKSSVVNTAEKLRKDIENKAVHGFIAFIGEEPAGMNLFYYAYSTWVGQYLH
MEDLYIRPQFRRMGLARTLWKKLAELARDKGIVRLEWAVLDWNKNAIALYDTVDYVNLTKSEGWFTFRMDGAAINKFADE
;
_entity_poly.pdbx_strand_id   A,B,C,D
#
# COMPACT_ATOMS: atom_id res chain seq x y z
N MET A 1 -27.47 -13.72 19.90
CA MET A 1 -26.72 -13.96 18.68
C MET A 1 -27.53 -14.83 17.68
N LYS A 2 -27.32 -14.58 16.38
CA LYS A 2 -27.99 -15.29 15.30
C LYS A 2 -27.01 -16.22 14.58
N ASN A 3 -27.49 -17.41 14.22
CA ASN A 3 -26.63 -18.50 13.76
C ASN A 3 -26.57 -18.54 12.22
N PHE A 4 -25.36 -18.47 11.69
CA PHE A 4 -25.10 -18.76 10.30
C PHE A 4 -24.13 -19.93 10.23
N GLU A 5 -24.49 -20.97 9.46
CA GLU A 5 -23.62 -22.12 9.23
C GLU A 5 -23.03 -22.06 7.82
N ILE A 6 -21.76 -22.41 7.71
CA ILE A 6 -21.07 -22.50 6.42
C ILE A 6 -20.59 -23.93 6.22
N VAL A 7 -21.02 -24.54 5.13
CA VAL A 7 -20.55 -25.84 4.74
C VAL A 7 -19.95 -25.71 3.35
N THR A 8 -18.97 -26.55 3.04
CA THR A 8 -18.30 -26.48 1.76
C THR A 8 -19.23 -26.95 0.65
N VAL A 9 -19.03 -26.39 -0.54
CA VAL A 9 -19.93 -26.63 -1.66
C VAL A 9 -19.74 -28.05 -2.16
N THR A 10 -20.85 -28.78 -2.22
CA THR A 10 -21.01 -30.10 -2.82
C THR A 10 -21.77 -29.95 -4.14
N PRO A 11 -21.62 -30.90 -5.07
CA PRO A 11 -22.36 -30.80 -6.34
C PRO A 11 -23.86 -30.73 -6.10
N ASP A 12 -24.25 -31.09 -4.88
CA ASP A 12 -25.65 -31.23 -4.50
C ASP A 12 -26.29 -29.86 -4.31
N HIS A 13 -25.46 -28.83 -4.07
CA HIS A 13 -25.90 -27.46 -3.82
C HIS A 13 -26.21 -26.65 -5.07
N ALA A 14 -25.79 -27.12 -6.25
CA ALA A 14 -25.85 -26.32 -7.47
C ALA A 14 -27.22 -25.69 -7.70
N GLU A 15 -28.28 -26.28 -7.16
CA GLU A 15 -29.60 -25.68 -7.26
C GLU A 15 -29.61 -24.30 -6.62
N GLN A 16 -29.38 -24.25 -5.30
CA GLN A 16 -29.38 -22.99 -4.58
C GLN A 16 -28.35 -22.01 -5.16
N LEU A 17 -27.21 -22.54 -5.64
CA LEU A 17 -26.12 -21.68 -6.09
C LEU A 17 -26.48 -20.96 -7.38
N ILE A 18 -27.11 -21.65 -8.32
CA ILE A 18 -27.47 -20.98 -9.57
C ILE A 18 -28.39 -19.80 -9.29
N SER A 19 -29.25 -19.90 -8.27
CA SER A 19 -30.18 -18.83 -8.01
C SER A 19 -29.46 -17.55 -7.64
N MET A 20 -28.60 -17.62 -6.61
CA MET A 20 -27.87 -16.44 -6.17
C MET A 20 -27.09 -15.80 -7.30
N ILE A 21 -26.57 -16.62 -8.22
CA ILE A 21 -25.85 -16.09 -9.38
C ILE A 21 -26.70 -15.06 -10.10
N HIS A 22 -27.93 -15.47 -10.44
CA HIS A 22 -28.86 -14.56 -11.11
C HIS A 22 -29.04 -13.27 -10.31
N GLU A 23 -29.22 -13.38 -8.98
CA GLU A 23 -29.38 -12.18 -8.15
C GLU A 23 -28.18 -11.25 -8.28
N LEU A 24 -26.98 -11.80 -8.51
CA LEU A 24 -25.79 -10.98 -8.54
C LEU A 24 -25.60 -10.30 -9.90
N ALA A 25 -25.74 -11.06 -10.98
CA ALA A 25 -25.79 -10.44 -12.31
C ALA A 25 -26.88 -9.38 -12.35
N GLU A 26 -28.00 -9.64 -11.68
CA GLU A 26 -29.06 -8.66 -11.55
C GLU A 26 -28.54 -7.40 -10.88
N PHE A 27 -27.92 -7.57 -9.71
CA PHE A 27 -27.29 -6.44 -9.01
C PHE A 27 -26.17 -5.82 -9.81
N GLU A 28 -25.29 -6.63 -10.40
CA GLU A 28 -24.16 -6.04 -11.12
C GLU A 28 -24.53 -5.56 -12.51
N LYS A 29 -25.82 -5.46 -12.83
CA LYS A 29 -26.29 -4.81 -14.04
C LYS A 29 -25.80 -5.58 -15.29
N MET A 30 -25.91 -6.90 -15.22
CA MET A 30 -25.37 -7.81 -16.23
C MET A 30 -26.24 -9.05 -16.31
N LYS A 31 -27.57 -8.87 -16.27
CA LYS A 31 -28.49 -10.01 -16.31
C LYS A 31 -28.21 -10.92 -17.49
N SER A 32 -27.83 -10.34 -18.63
CA SER A 32 -27.79 -11.06 -19.90
C SER A 32 -26.61 -12.00 -19.97
N SER A 33 -25.50 -11.61 -19.36
CA SER A 33 -24.25 -12.31 -19.50
C SER A 33 -24.35 -13.77 -19.07
N VAL A 34 -25.31 -14.13 -18.21
CA VAL A 34 -25.39 -15.47 -17.62
C VAL A 34 -25.97 -16.47 -18.61
N VAL A 35 -25.22 -17.52 -18.89
CA VAL A 35 -25.69 -18.66 -19.68
C VAL A 35 -25.63 -19.96 -18.89
N ASN A 36 -24.99 -19.96 -17.73
CA ASN A 36 -24.70 -21.17 -16.98
C ASN A 36 -25.96 -21.64 -16.28
N THR A 37 -26.15 -22.95 -16.23
CA THR A 37 -27.32 -23.51 -15.58
C THR A 37 -26.90 -24.19 -14.29
N ALA A 38 -27.88 -24.52 -13.45
CA ALA A 38 -27.54 -25.31 -12.26
C ALA A 38 -26.93 -26.64 -12.66
N GLU A 39 -27.60 -27.34 -13.57
CA GLU A 39 -27.18 -28.70 -13.94
C GLU A 39 -25.87 -28.71 -14.73
N LYS A 40 -25.61 -27.67 -15.54
CA LYS A 40 -24.29 -27.53 -16.14
C LYS A 40 -23.23 -27.35 -15.06
N LEU A 41 -23.47 -26.39 -14.17
CA LEU A 41 -22.68 -26.20 -12.95
C LEU A 41 -22.53 -27.48 -12.15
N ARG A 42 -23.63 -28.22 -12.00
CA ARG A 42 -23.60 -29.47 -11.24
C ARG A 42 -22.48 -30.39 -11.70
N LYS A 43 -22.20 -30.41 -12.99
CA LYS A 43 -21.03 -31.14 -13.45
C LYS A 43 -19.77 -30.45 -13.00
N ASP A 44 -19.80 -29.11 -12.95
CA ASP A 44 -18.58 -28.32 -12.76
C ASP A 44 -18.05 -28.42 -11.33
N ILE A 45 -18.92 -28.69 -10.36
CA ILE A 45 -18.45 -28.85 -8.99
C ILE A 45 -17.87 -30.26 -8.78
N GLU A 46 -18.48 -31.25 -9.44
CA GLU A 46 -17.89 -32.60 -9.47
C GLU A 46 -16.46 -32.55 -10.03
N ASN A 47 -16.26 -31.83 -11.13
CA ASN A 47 -14.99 -31.81 -11.84
C ASN A 47 -13.93 -30.94 -11.18
N LYS A 48 -14.17 -30.39 -9.98
CA LYS A 48 -13.18 -29.60 -9.24
C LYS A 48 -12.68 -28.40 -10.07
N ALA A 49 -13.53 -27.95 -11.01
CA ALA A 49 -13.34 -26.73 -11.78
C ALA A 49 -13.70 -25.47 -11.01
N VAL A 50 -14.53 -25.62 -9.97
CA VAL A 50 -14.93 -24.54 -9.06
C VAL A 50 -15.11 -25.14 -7.67
N HIS A 51 -14.87 -24.34 -6.63
CA HIS A 51 -15.06 -24.73 -5.24
C HIS A 51 -15.76 -23.57 -4.52
N GLY A 52 -16.34 -23.85 -3.36
CA GLY A 52 -17.06 -22.77 -2.73
C GLY A 52 -17.37 -23.04 -1.27
N PHE A 53 -18.12 -22.11 -0.69
CA PHE A 53 -18.66 -22.21 0.66
C PHE A 53 -20.06 -21.61 0.63
N ILE A 54 -21.06 -22.38 0.98
CA ILE A 54 -22.40 -21.81 1.07
C ILE A 54 -22.71 -21.50 2.51
N ALA A 55 -23.38 -20.37 2.70
CA ALA A 55 -23.91 -19.93 3.98
C ALA A 55 -25.41 -20.18 3.99
N PHE A 56 -25.85 -21.05 4.92
CA PHE A 56 -27.26 -21.32 5.17
C PHE A 56 -27.60 -20.81 6.57
N ILE A 57 -28.78 -20.20 6.72
CA ILE A 57 -29.33 -19.87 8.04
C ILE A 57 -30.64 -20.65 8.20
N GLY A 58 -30.65 -21.59 9.15
CA GLY A 58 -31.64 -22.65 9.14
C GLY A 58 -31.39 -23.51 7.92
N GLU A 59 -32.33 -23.48 6.98
CA GLU A 59 -32.17 -24.22 5.74
C GLU A 59 -32.20 -23.32 4.52
N GLU A 60 -32.32 -21.98 4.72
CA GLU A 60 -32.29 -20.99 3.63
C GLU A 60 -30.85 -20.67 3.23
N PRO A 61 -30.51 -20.72 1.95
CA PRO A 61 -29.26 -20.11 1.52
C PRO A 61 -29.27 -18.62 1.83
N ALA A 62 -28.10 -18.12 2.21
CA ALA A 62 -27.88 -16.69 2.42
C ALA A 62 -26.86 -16.15 1.44
N GLY A 63 -25.58 -16.44 1.65
CA GLY A 63 -24.59 -16.03 0.68
C GLY A 63 -23.70 -17.16 0.24
N MET A 64 -22.65 -16.84 -0.50
CA MET A 64 -21.77 -17.85 -1.09
C MET A 64 -20.46 -17.19 -1.45
N ASN A 65 -19.42 -18.01 -1.48
CA ASN A 65 -18.07 -17.58 -1.88
C ASN A 65 -17.57 -18.66 -2.80
N LEU A 66 -17.48 -18.35 -4.08
CA LEU A 66 -17.05 -19.32 -5.07
C LEU A 66 -15.63 -18.96 -5.50
N PHE A 67 -14.90 -19.91 -6.07
CA PHE A 67 -13.52 -19.60 -6.45
C PHE A 67 -12.91 -20.75 -7.24
N TYR A 68 -11.82 -20.45 -7.96
CA TYR A 68 -11.03 -21.48 -8.64
C TYR A 68 -9.56 -21.33 -8.28
N TYR A 69 -8.76 -22.25 -8.80
CA TYR A 69 -7.32 -22.27 -8.61
C TYR A 69 -6.68 -21.68 -9.86
N ALA A 70 -6.03 -20.55 -9.68
CA ALA A 70 -5.19 -19.95 -10.71
C ALA A 70 -3.72 -20.30 -10.46
N TYR A 71 -2.92 -20.20 -11.52
CA TYR A 71 -1.48 -20.46 -11.51
C TYR A 71 -0.76 -19.20 -12.00
N SER A 72 0.19 -18.71 -11.21
CA SER A 72 1.14 -17.69 -11.65
C SER A 72 2.47 -18.38 -11.89
N THR A 73 3.10 -18.08 -13.02
CA THR A 73 4.41 -18.67 -13.31
C THR A 73 5.42 -18.39 -12.21
N TRP A 74 5.17 -17.37 -11.39
CA TRP A 74 6.12 -16.87 -10.41
C TRP A 74 5.97 -17.52 -9.04
N VAL A 75 4.73 -17.90 -8.67
CA VAL A 75 4.39 -18.39 -7.33
C VAL A 75 3.49 -19.61 -7.35
N GLY A 76 3.61 -20.45 -8.37
CA GLY A 76 2.79 -21.66 -8.41
C GLY A 76 1.28 -21.39 -8.35
N GLN A 77 0.56 -22.39 -7.86
CA GLN A 77 -0.90 -22.32 -7.78
C GLN A 77 -1.35 -21.36 -6.67
N TYR A 78 -2.28 -20.45 -7.01
CA TYR A 78 -2.95 -19.58 -6.03
C TYR A 78 -4.45 -19.60 -6.26
N LEU A 79 -5.18 -18.98 -5.34
CA LEU A 79 -6.63 -18.96 -5.38
C LEU A 79 -7.14 -17.68 -6.01
N HIS A 80 -8.16 -17.80 -6.86
CA HIS A 80 -8.88 -16.63 -7.33
C HIS A 80 -10.31 -16.77 -6.87
N MET A 81 -10.83 -15.76 -6.19
CA MET A 81 -12.22 -15.70 -5.76
C MET A 81 -13.06 -15.01 -6.83
N GLU A 82 -13.87 -15.80 -7.54
CA GLU A 82 -14.69 -15.22 -8.60
C GLU A 82 -15.81 -14.43 -7.95
N ASP A 83 -16.76 -15.12 -7.30
CA ASP A 83 -18.00 -14.48 -6.90
C ASP A 83 -18.27 -14.60 -5.41
N LEU A 84 -18.64 -13.48 -4.80
CA LEU A 84 -18.97 -13.41 -3.39
C LEU A 84 -20.18 -12.51 -3.23
N TYR A 85 -21.33 -13.12 -2.89
CA TYR A 85 -22.62 -12.45 -2.84
C TYR A 85 -23.34 -12.82 -1.56
N ILE A 86 -24.04 -11.85 -0.99
CA ILE A 86 -24.95 -12.13 0.11
C ILE A 86 -26.35 -11.75 -0.38
N ARG A 87 -27.33 -12.58 -0.05
CA ARG A 87 -28.70 -12.17 -0.28
C ARG A 87 -28.99 -10.86 0.45
N PRO A 88 -29.95 -10.09 -0.03
CA PRO A 88 -30.14 -8.75 0.56
C PRO A 88 -30.53 -8.85 2.03
N GLN A 89 -31.47 -9.75 2.38
CA GLN A 89 -31.99 -9.84 3.74
C GLN A 89 -31.00 -10.48 4.69
N PHE A 90 -29.72 -10.58 4.29
CA PHE A 90 -28.69 -11.14 5.14
C PHE A 90 -27.42 -10.32 5.16
N ARG A 91 -27.36 -9.17 4.47
CA ARG A 91 -26.23 -8.26 4.58
C ARG A 91 -26.05 -7.81 6.03
N ARG A 92 -25.17 -6.84 6.27
CA ARG A 92 -24.95 -6.26 7.60
C ARG A 92 -24.97 -7.29 8.73
N MET A 93 -24.65 -8.53 8.40
CA MET A 93 -24.60 -9.63 9.34
C MET A 93 -23.26 -10.37 9.26
N GLY A 94 -22.28 -9.77 8.60
CA GLY A 94 -20.91 -10.21 8.69
C GLY A 94 -20.50 -11.28 7.71
N LEU A 95 -21.44 -12.02 7.13
CA LEU A 95 -21.06 -13.12 6.22
C LEU A 95 -20.12 -12.66 5.14
N ALA A 96 -20.48 -11.55 4.46
CA ALA A 96 -19.58 -10.76 3.63
C ALA A 96 -18.15 -11.28 3.79
N ARG A 97 -17.60 -10.99 4.97
CA ARG A 97 -16.20 -11.24 5.27
C ARG A 97 -15.96 -12.68 5.71
N THR A 98 -16.92 -13.31 6.40
CA THR A 98 -16.72 -14.65 6.94
C THR A 98 -16.50 -15.68 5.84
N LEU A 99 -17.45 -15.76 4.90
CA LEU A 99 -17.24 -16.51 3.68
C LEU A 99 -15.89 -16.17 3.06
N TRP A 100 -15.52 -14.89 3.11
CA TRP A 100 -14.24 -14.49 2.58
C TRP A 100 -13.10 -15.13 3.38
N LYS A 101 -13.26 -15.29 4.71
CA LYS A 101 -12.20 -15.90 5.51
C LYS A 101 -11.92 -17.34 5.16
N LYS A 102 -12.97 -18.14 4.99
CA LYS A 102 -12.73 -19.58 4.86
C LYS A 102 -11.86 -19.85 3.65
N LEU A 103 -11.84 -18.90 2.71
CA LEU A 103 -10.99 -18.89 1.53
C LEU A 103 -9.57 -18.41 1.84
N ALA A 104 -9.40 -17.56 2.87
CA ALA A 104 -8.05 -17.21 3.28
C ALA A 104 -7.48 -18.22 4.25
N GLU A 105 -8.33 -18.74 5.14
CA GLU A 105 -7.91 -19.88 5.96
C GLU A 105 -7.45 -21.03 5.07
N LEU A 106 -8.26 -21.38 4.06
CA LEU A 106 -7.87 -22.42 3.11
C LEU A 106 -6.58 -22.07 2.36
N ALA A 107 -6.46 -20.83 1.86
CA ALA A 107 -5.24 -20.42 1.17
C ALA A 107 -4.02 -20.56 2.08
N ARG A 108 -4.20 -20.22 3.36
CA ARG A 108 -3.19 -20.53 4.37
C ARG A 108 -3.02 -22.03 4.53
N ASP A 109 -4.12 -22.74 4.75
CA ASP A 109 -4.03 -24.17 5.04
C ASP A 109 -3.36 -24.94 3.91
N LYS A 110 -3.57 -24.52 2.67
CA LYS A 110 -2.81 -25.12 1.58
C LYS A 110 -1.46 -24.46 1.35
N GLY A 111 -1.08 -23.47 2.15
CA GLY A 111 0.19 -22.80 1.94
C GLY A 111 0.28 -22.02 0.64
N ILE A 112 -0.76 -21.28 0.31
CA ILE A 112 -0.82 -20.48 -0.90
C ILE A 112 -0.53 -19.02 -0.55
N VAL A 113 0.30 -18.35 -1.37
CA VAL A 113 0.92 -17.07 -1.01
C VAL A 113 0.34 -15.89 -1.82
N ARG A 114 -0.80 -16.07 -2.47
CA ARG A 114 -1.48 -14.97 -3.16
C ARG A 114 -2.97 -15.33 -3.27
N LEU A 115 -3.83 -14.31 -3.25
CA LEU A 115 -5.28 -14.48 -3.34
C LEU A 115 -5.90 -13.31 -4.08
N GLU A 116 -6.28 -13.52 -5.33
CA GLU A 116 -6.81 -12.45 -6.17
C GLU A 116 -8.33 -12.55 -6.29
N TRP A 117 -8.96 -11.43 -6.63
CA TRP A 117 -10.38 -11.37 -6.92
C TRP A 117 -10.61 -10.03 -7.55
N ALA A 118 -11.78 -9.88 -8.16
CA ALA A 118 -12.09 -8.66 -8.88
C ALA A 118 -13.43 -8.11 -8.42
N VAL A 119 -13.63 -6.82 -8.68
CA VAL A 119 -14.93 -6.17 -8.50
C VAL A 119 -15.04 -4.99 -9.47
N LEU A 120 -16.27 -4.59 -9.71
CA LEU A 120 -16.52 -3.38 -10.47
C LEU A 120 -16.07 -2.16 -9.67
N ASP A 121 -15.85 -1.06 -10.39
CA ASP A 121 -15.39 0.18 -9.78
C ASP A 121 -16.52 0.90 -9.03
N TRP A 122 -17.76 0.69 -9.43
CA TRP A 122 -18.87 1.38 -8.79
C TRP A 122 -19.41 0.65 -7.58
N ASN A 123 -19.07 -0.63 -7.40
CA ASN A 123 -19.58 -1.43 -6.28
C ASN A 123 -18.77 -1.06 -5.03
N LYS A 124 -19.04 0.16 -4.53
CA LYS A 124 -18.33 0.69 -3.37
C LYS A 124 -18.69 -0.02 -2.08
N ASN A 125 -19.84 -0.69 -2.04
CA ASN A 125 -20.17 -1.54 -0.91
C ASN A 125 -19.17 -2.70 -0.80
N ALA A 126 -18.89 -3.34 -1.95
CA ALA A 126 -17.92 -4.43 -2.02
C ALA A 126 -16.53 -3.95 -1.65
N ILE A 127 -16.16 -2.74 -2.07
CA ILE A 127 -14.85 -2.24 -1.67
C ILE A 127 -14.87 -1.85 -0.19
N ALA A 128 -16.01 -1.33 0.28
CA ALA A 128 -16.18 -1.00 1.69
C ALA A 128 -15.68 -2.15 2.56
N LEU A 129 -16.19 -3.35 2.30
CA LEU A 129 -15.63 -4.53 2.95
C LEU A 129 -14.14 -4.66 2.69
N TYR A 130 -13.73 -4.76 1.40
CA TYR A 130 -12.37 -5.17 1.05
C TYR A 130 -11.30 -4.28 1.67
N ASP A 131 -11.67 -3.04 2.02
CA ASP A 131 -10.76 -2.08 2.64
C ASP A 131 -10.44 -2.43 4.10
N THR A 132 -11.10 -3.45 4.68
CA THR A 132 -10.78 -3.95 6.01
C THR A 132 -9.74 -5.09 5.96
N VAL A 133 -9.01 -5.25 4.85
CA VAL A 133 -7.80 -6.07 4.82
C VAL A 133 -6.77 -5.38 3.95
N ASP A 134 -5.55 -5.88 4.01
CA ASP A 134 -4.47 -5.34 3.21
C ASP A 134 -4.51 -6.01 1.84
N TYR A 135 -4.86 -5.26 0.81
CA TYR A 135 -4.90 -5.76 -0.55
C TYR A 135 -4.25 -4.73 -1.46
N VAL A 136 -3.58 -5.20 -2.52
CA VAL A 136 -3.07 -4.25 -3.52
C VAL A 136 -4.10 -4.10 -4.62
N ASN A 137 -4.24 -2.89 -5.15
CA ASN A 137 -5.11 -2.66 -6.30
C ASN A 137 -4.24 -2.70 -7.54
N LEU A 138 -4.18 -3.89 -8.15
CA LEU A 138 -3.27 -4.12 -9.27
C LEU A 138 -3.64 -3.29 -10.48
N THR A 139 -4.91 -2.92 -10.63
CA THR A 139 -5.28 -2.04 -11.72
C THR A 139 -4.67 -0.65 -11.51
N LYS A 140 -5.03 0.03 -10.41
CA LYS A 140 -4.63 1.43 -10.23
C LYS A 140 -3.15 1.59 -9.94
N SER A 141 -2.56 0.68 -9.17
CA SER A 141 -1.15 0.85 -8.86
C SER A 141 -0.29 0.51 -10.06
N GLU A 142 -0.46 -0.70 -10.62
CA GLU A 142 0.42 -1.25 -11.64
C GLU A 142 -0.18 -1.19 -13.04
N GLY A 143 -1.38 -0.65 -13.20
CA GLY A 143 -1.98 -0.44 -14.52
C GLY A 143 -2.26 -1.70 -15.32
N TRP A 144 -2.82 -2.73 -14.70
CA TRP A 144 -3.10 -3.98 -15.41
C TRP A 144 -4.44 -3.92 -16.11
N PHE A 145 -4.43 -4.11 -17.44
CA PHE A 145 -5.66 -4.40 -18.16
C PHE A 145 -5.84 -5.90 -18.23
N THR A 146 -7.08 -6.32 -18.17
CA THR A 146 -7.41 -7.71 -18.47
C THR A 146 -8.13 -7.68 -19.81
N PHE A 147 -7.58 -8.37 -20.80
CA PHE A 147 -8.21 -8.47 -22.11
C PHE A 147 -9.05 -9.72 -22.18
N ARG A 148 -10.31 -9.56 -22.56
CA ARG A 148 -11.17 -10.68 -22.87
C ARG A 148 -11.37 -10.80 -24.37
N MET A 149 -11.56 -12.04 -24.79
CA MET A 149 -11.94 -12.39 -26.13
C MET A 149 -13.07 -13.39 -25.98
N ASP A 150 -14.26 -13.06 -26.49
CA ASP A 150 -15.39 -13.97 -26.32
C ASP A 150 -15.30 -15.10 -27.33
N GLY A 151 -16.35 -15.92 -27.42
CA GLY A 151 -16.28 -17.11 -28.26
C GLY A 151 -16.33 -16.81 -29.75
N ALA A 152 -17.20 -15.88 -30.15
CA ALA A 152 -17.24 -15.46 -31.54
C ALA A 152 -15.86 -15.01 -32.03
N ALA A 153 -15.20 -14.18 -31.23
CA ALA A 153 -13.82 -13.78 -31.55
C ALA A 153 -12.86 -14.98 -31.53
N ILE A 154 -12.99 -15.86 -30.54
CA ILE A 154 -12.08 -17.00 -30.43
C ILE A 154 -12.12 -17.84 -31.69
N ASN A 155 -13.30 -18.06 -32.25
CA ASN A 155 -13.35 -18.90 -33.44
C ASN A 155 -12.70 -18.17 -34.62
N LYS A 156 -13.03 -16.89 -34.78
CA LYS A 156 -12.55 -16.11 -35.93
C LYS A 156 -11.03 -16.08 -36.02
N PHE A 157 -10.34 -16.04 -34.87
CA PHE A 157 -8.87 -16.07 -34.84
C PHE A 157 -8.31 -17.47 -34.94
N ALA A 158 -8.97 -18.44 -34.30
CA ALA A 158 -8.48 -19.80 -34.44
C ALA A 158 -8.72 -20.33 -35.84
N ASP A 159 -9.64 -19.75 -36.60
CA ASP A 159 -10.02 -20.31 -37.89
C ASP A 159 -9.21 -19.75 -39.05
N GLU A 160 -8.13 -19.03 -38.79
CA GLU A 160 -7.26 -18.57 -39.86
C GLU A 160 -6.47 -19.75 -40.46
N MET B 1 11.71 -22.80 -45.46
CA MET B 1 11.10 -22.47 -44.17
C MET B 1 11.73 -23.19 -42.97
N LYS B 2 12.13 -22.41 -41.96
CA LYS B 2 12.49 -22.93 -40.64
C LYS B 2 11.31 -23.66 -40.00
N ASN B 3 11.62 -24.59 -39.10
CA ASN B 3 10.63 -25.49 -38.51
C ASN B 3 10.35 -25.15 -37.05
N PHE B 4 9.41 -24.23 -36.81
CA PHE B 4 8.74 -24.14 -35.52
C PHE B 4 7.69 -25.22 -35.43
N GLU B 5 7.93 -26.24 -34.59
CA GLU B 5 6.86 -27.10 -34.12
C GLU B 5 6.47 -26.68 -32.71
N ILE B 6 5.19 -26.74 -32.45
CA ILE B 6 4.61 -26.50 -31.14
C ILE B 6 4.39 -27.87 -30.53
N VAL B 7 4.87 -28.07 -29.32
CA VAL B 7 4.56 -29.29 -28.58
C VAL B 7 3.75 -28.89 -27.38
N THR B 8 2.74 -29.67 -27.01
CA THR B 8 2.10 -29.30 -25.74
C THR B 8 3.01 -29.72 -24.58
N VAL B 9 2.76 -29.16 -23.41
CA VAL B 9 3.71 -29.29 -22.32
C VAL B 9 3.48 -30.59 -21.55
N THR B 10 4.56 -31.34 -21.36
CA THR B 10 4.64 -32.39 -20.35
C THR B 10 5.72 -31.98 -19.35
N PRO B 11 5.74 -32.57 -18.15
CA PRO B 11 6.75 -32.15 -17.16
C PRO B 11 8.18 -32.33 -17.67
N ASP B 12 8.37 -33.16 -18.71
CA ASP B 12 9.67 -33.31 -19.35
C ASP B 12 10.29 -31.95 -19.73
N HIS B 13 9.45 -30.94 -19.93
CA HIS B 13 9.94 -29.69 -20.44
C HIS B 13 10.28 -28.70 -19.34
N ALA B 14 9.64 -28.83 -18.18
CA ALA B 14 9.78 -27.94 -17.02
C ALA B 14 11.18 -27.38 -16.86
N GLU B 15 12.18 -28.16 -17.25
CA GLU B 15 13.54 -27.65 -17.36
C GLU B 15 13.62 -26.48 -18.32
N GLN B 16 13.28 -26.73 -19.59
CA GLN B 16 13.26 -25.64 -20.56
C GLN B 16 12.41 -24.47 -20.06
N LEU B 17 11.22 -24.77 -19.54
CA LEU B 17 10.32 -23.73 -19.06
C LEU B 17 10.98 -22.91 -17.96
N ILE B 18 11.59 -23.58 -17.00
CA ILE B 18 12.11 -22.86 -15.86
C ILE B 18 13.18 -21.89 -16.31
N SER B 19 13.91 -22.21 -17.40
CA SER B 19 14.83 -21.24 -17.96
C SER B 19 14.09 -19.99 -18.42
N MET B 20 13.03 -20.17 -19.19
CA MET B 20 12.33 -19.04 -19.78
C MET B 20 11.53 -18.26 -18.77
N ILE B 21 11.37 -18.75 -17.53
CA ILE B 21 10.74 -17.95 -16.50
C ILE B 21 11.76 -17.05 -15.83
N HIS B 22 13.04 -17.41 -15.92
CA HIS B 22 14.11 -16.58 -15.36
C HIS B 22 14.54 -15.46 -16.32
N GLU B 23 14.69 -15.76 -17.62
CA GLU B 23 14.99 -14.70 -18.57
C GLU B 23 14.07 -13.51 -18.36
N LEU B 24 12.77 -13.78 -18.29
CA LEU B 24 11.75 -12.78 -18.07
C LEU B 24 11.83 -12.14 -16.69
N ALA B 25 12.60 -12.73 -15.76
CA ALA B 25 12.86 -12.02 -14.51
C ALA B 25 13.56 -10.70 -14.76
N GLU B 26 14.21 -10.56 -15.91
CA GLU B 26 14.88 -9.32 -16.25
C GLU B 26 13.90 -8.24 -16.72
N PHE B 27 13.03 -8.57 -17.69
CA PHE B 27 12.41 -7.59 -18.59
C PHE B 27 11.19 -6.86 -18.01
N GLU B 28 10.30 -7.51 -17.25
CA GLU B 28 9.17 -6.79 -16.66
C GLU B 28 9.45 -6.25 -15.26
N LYS B 29 10.72 -6.27 -14.85
CA LYS B 29 11.23 -5.44 -13.76
C LYS B 29 10.83 -5.95 -12.37
N MET B 30 10.57 -7.25 -12.26
CA MET B 30 10.11 -7.84 -11.01
C MET B 30 10.96 -9.09 -10.71
N LYS B 31 12.28 -8.88 -10.59
CA LYS B 31 13.28 -9.93 -10.82
C LYS B 31 13.48 -10.89 -9.64
N SER B 32 13.10 -10.49 -8.41
CA SER B 32 13.41 -11.25 -7.19
C SER B 32 12.33 -12.26 -6.81
N SER B 33 11.14 -12.14 -7.40
CA SER B 33 9.97 -12.94 -7.05
C SER B 33 10.02 -14.37 -7.60
N VAL B 34 11.14 -15.07 -7.43
CA VAL B 34 11.37 -16.37 -8.05
C VAL B 34 11.28 -17.45 -6.96
N VAL B 35 10.15 -18.15 -6.88
CA VAL B 35 9.99 -19.21 -5.88
C VAL B 35 9.36 -20.48 -6.45
N ASN B 36 9.26 -20.58 -7.77
CA ASN B 36 8.74 -21.76 -8.45
C ASN B 36 9.93 -22.38 -9.16
N THR B 37 10.54 -23.40 -8.55
CA THR B 37 11.72 -24.00 -9.17
C THR B 37 11.33 -24.96 -10.32
N ALA B 38 12.35 -25.59 -10.91
CA ALA B 38 12.08 -26.56 -11.98
C ALA B 38 11.33 -27.77 -11.44
N GLU B 39 11.77 -28.34 -10.30
CA GLU B 39 11.07 -29.48 -9.70
C GLU B 39 9.61 -29.16 -9.40
N LYS B 40 9.38 -28.06 -8.65
CA LYS B 40 8.04 -27.68 -8.27
C LYS B 40 7.16 -27.48 -9.51
N LEU B 41 7.77 -27.07 -10.62
CA LEU B 41 7.03 -26.87 -11.86
C LEU B 41 6.53 -28.20 -12.44
N ARG B 42 7.41 -29.23 -12.52
CA ARG B 42 7.00 -30.59 -12.89
C ARG B 42 5.73 -30.98 -12.18
N LYS B 43 5.84 -31.15 -10.85
CA LYS B 43 4.68 -31.52 -10.04
C LYS B 43 3.45 -30.69 -10.38
N ASP B 44 3.64 -29.42 -10.77
CA ASP B 44 2.53 -28.56 -11.16
C ASP B 44 1.97 -28.94 -12.53
N ILE B 45 2.86 -29.28 -13.47
CA ILE B 45 2.37 -29.70 -14.79
C ILE B 45 1.66 -31.02 -14.67
N GLU B 46 2.26 -31.95 -13.90
CA GLU B 46 1.65 -33.22 -13.55
C GLU B 46 0.30 -33.00 -12.91
N ASN B 47 0.30 -32.35 -11.78
CA ASN B 47 -1.00 -32.36 -11.15
C ASN B 47 -2.02 -31.38 -11.85
N LYS B 48 -1.71 -30.96 -13.08
CA LYS B 48 -2.56 -30.06 -13.86
C LYS B 48 -2.81 -28.73 -13.13
N ALA B 49 -1.80 -28.28 -12.40
CA ALA B 49 -1.80 -26.91 -11.90
C ALA B 49 -1.76 -25.93 -13.05
N VAL B 50 -1.16 -26.31 -14.17
CA VAL B 50 -0.86 -25.40 -15.26
C VAL B 50 -0.88 -26.20 -16.56
N HIS B 51 -0.93 -25.47 -17.69
CA HIS B 51 -0.86 -26.06 -19.03
C HIS B 51 -0.09 -25.09 -19.91
N GLY B 52 0.25 -25.52 -21.10
CA GLY B 52 1.09 -24.66 -21.91
C GLY B 52 1.33 -25.27 -23.25
N PHE B 53 2.05 -24.51 -24.09
CA PHE B 53 2.68 -25.01 -25.30
C PHE B 53 4.13 -24.56 -25.29
N ILE B 54 5.04 -25.41 -25.71
CA ILE B 54 6.35 -24.91 -26.10
C ILE B 54 6.47 -25.01 -27.61
N ALA B 55 6.93 -23.90 -28.18
CA ALA B 55 7.54 -23.87 -29.49
C ALA B 55 9.03 -24.10 -29.35
N PHE B 56 9.54 -25.08 -30.10
CA PHE B 56 10.96 -25.35 -30.20
C PHE B 56 11.42 -24.90 -31.58
N ILE B 57 12.70 -24.58 -31.72
CA ILE B 57 13.34 -24.51 -33.04
C ILE B 57 14.36 -25.64 -33.10
N GLY B 58 14.21 -26.53 -34.07
CA GLY B 58 15.12 -27.65 -34.14
C GLY B 58 15.15 -28.35 -32.80
N GLU B 59 16.30 -28.34 -32.13
CA GLU B 59 16.42 -28.98 -30.83
C GLU B 59 16.45 -28.00 -29.65
N GLU B 60 16.46 -26.65 -29.90
CA GLU B 60 16.45 -25.59 -28.87
C GLU B 60 15.04 -25.05 -28.63
N PRO B 61 14.71 -24.69 -27.39
CA PRO B 61 13.49 -23.90 -27.13
C PRO B 61 13.62 -22.46 -27.62
N ALA B 62 12.52 -21.94 -28.18
CA ALA B 62 12.42 -20.57 -28.67
C ALA B 62 11.38 -19.75 -27.92
N GLY B 63 10.28 -20.35 -27.52
CA GLY B 63 9.29 -19.60 -26.75
C GLY B 63 8.27 -20.55 -26.14
N MET B 64 7.53 -20.01 -25.16
CA MET B 64 6.55 -20.79 -24.44
C MET B 64 5.22 -20.06 -24.43
N ASN B 65 4.28 -20.62 -23.67
CA ASN B 65 2.94 -20.05 -23.48
C ASN B 65 2.14 -20.77 -22.42
N LEU B 66 2.11 -20.27 -21.19
CA LEU B 66 1.42 -21.00 -20.14
C LEU B 66 -0.02 -20.54 -20.06
N PHE B 67 -0.88 -21.40 -19.51
CA PHE B 67 -2.30 -21.09 -19.40
C PHE B 67 -2.97 -22.09 -18.48
N TYR B 68 -3.88 -21.60 -17.65
CA TYR B 68 -4.65 -22.46 -16.78
C TYR B 68 -6.12 -22.35 -17.13
N TYR B 69 -6.91 -23.22 -16.53
CA TYR B 69 -8.36 -23.16 -16.71
C TYR B 69 -8.99 -22.40 -15.55
N ALA B 70 -9.87 -21.46 -15.89
CA ALA B 70 -10.51 -20.63 -14.89
C ALA B 70 -12.01 -20.69 -15.09
N TYR B 71 -12.74 -20.15 -14.12
CA TYR B 71 -14.19 -20.30 -14.09
C TYR B 71 -14.88 -18.94 -14.01
N SER B 72 -16.06 -18.85 -14.62
CA SER B 72 -16.90 -17.67 -14.55
C SER B 72 -18.35 -18.09 -14.46
N THR B 73 -19.01 -17.75 -13.34
CA THR B 73 -20.37 -18.18 -13.06
C THR B 73 -21.41 -17.77 -14.09
N TRP B 74 -20.98 -16.99 -15.08
CA TRP B 74 -21.88 -16.55 -16.13
C TRP B 74 -21.79 -17.46 -17.35
N VAL B 75 -20.57 -17.88 -17.72
CA VAL B 75 -20.34 -18.74 -18.87
C VAL B 75 -19.81 -20.11 -18.49
N GLY B 76 -19.38 -20.28 -17.25
CA GLY B 76 -18.75 -21.53 -16.89
C GLY B 76 -17.25 -21.43 -17.04
N GLN B 77 -16.62 -22.51 -17.43
CA GLN B 77 -15.16 -22.53 -17.47
C GLN B 77 -14.67 -21.70 -18.65
N TYR B 78 -13.51 -21.06 -18.49
CA TYR B 78 -12.85 -20.42 -19.62
C TYR B 78 -11.35 -20.67 -19.50
N LEU B 79 -10.61 -20.11 -20.45
CA LEU B 79 -9.15 -20.16 -20.46
C LEU B 79 -8.57 -18.79 -20.12
N HIS B 80 -7.58 -18.78 -19.22
CA HIS B 80 -6.72 -17.63 -19.01
C HIS B 80 -5.32 -17.95 -19.49
N MET B 81 -4.69 -17.00 -20.19
CA MET B 81 -3.31 -17.12 -20.63
C MET B 81 -2.41 -16.40 -19.64
N GLU B 82 -1.43 -17.11 -19.10
CA GLU B 82 -0.50 -16.55 -18.13
C GLU B 82 0.73 -15.98 -18.82
N ASP B 83 1.81 -16.74 -18.94
CA ASP B 83 2.97 -16.28 -19.71
C ASP B 83 2.77 -16.44 -21.20
N LEU B 84 3.32 -15.50 -21.96
CA LEU B 84 3.46 -15.64 -23.41
C LEU B 84 4.78 -14.96 -23.77
N TYR B 85 5.82 -15.75 -23.93
CA TYR B 85 7.17 -15.23 -24.02
C TYR B 85 7.86 -15.87 -25.21
N ILE B 86 8.85 -15.18 -25.74
CA ILE B 86 9.68 -15.65 -26.83
C ILE B 86 11.11 -15.29 -26.43
N ARG B 87 12.00 -16.26 -26.42
CA ARG B 87 13.40 -15.91 -26.22
C ARG B 87 13.80 -14.80 -27.19
N PRO B 88 14.64 -13.83 -26.74
CA PRO B 88 14.89 -12.62 -27.53
C PRO B 88 15.12 -12.82 -29.03
N GLN B 89 16.10 -13.64 -29.36
CA GLN B 89 16.56 -13.87 -30.72
C GLN B 89 15.51 -14.44 -31.67
N PHE B 90 14.28 -14.62 -31.19
CA PHE B 90 13.22 -15.18 -32.02
C PHE B 90 11.97 -14.30 -32.03
N ARG B 91 12.02 -13.08 -31.50
CA ARG B 91 10.82 -12.25 -31.57
C ARG B 91 10.63 -11.69 -32.96
N ARG B 92 9.38 -11.32 -33.27
CA ARG B 92 9.02 -10.76 -34.57
C ARG B 92 9.29 -11.72 -35.72
N MET B 93 9.39 -13.00 -35.43
CA MET B 93 9.26 -14.05 -36.43
C MET B 93 7.86 -14.64 -36.40
N GLY B 94 6.94 -14.00 -35.68
CA GLY B 94 5.55 -14.42 -35.68
C GLY B 94 5.25 -15.59 -34.78
N LEU B 95 6.26 -16.13 -34.10
CA LEU B 95 6.01 -17.15 -33.09
C LEU B 95 5.15 -16.62 -31.97
N ALA B 96 5.63 -15.53 -31.32
CA ALA B 96 4.84 -14.47 -30.71
C ALA B 96 3.36 -14.84 -30.80
N ARG B 97 2.78 -14.70 -31.99
CA ARG B 97 1.35 -14.86 -32.21
C ARG B 97 0.91 -16.31 -32.36
N THR B 98 1.75 -17.17 -32.93
CA THR B 98 1.35 -18.55 -33.23
C THR B 98 1.00 -19.31 -31.97
N LEU B 99 1.88 -19.22 -30.96
CA LEU B 99 1.61 -19.82 -29.64
C LEU B 99 0.32 -19.28 -29.05
N TRP B 100 0.02 -18.02 -29.32
CA TRP B 100 -1.28 -17.50 -28.94
C TRP B 100 -2.39 -18.16 -29.76
N LYS B 101 -2.08 -18.71 -30.93
CA LYS B 101 -3.19 -19.20 -31.72
C LYS B 101 -3.56 -20.63 -31.35
N LYS B 102 -2.59 -21.48 -31.00
CA LYS B 102 -2.92 -22.86 -30.63
C LYS B 102 -3.82 -22.90 -29.39
N LEU B 103 -3.66 -21.94 -28.49
CA LEU B 103 -4.56 -21.86 -27.34
C LEU B 103 -5.95 -21.44 -27.77
N ALA B 104 -6.04 -20.48 -28.71
CA ALA B 104 -7.32 -20.19 -29.35
C ALA B 104 -7.93 -21.46 -29.91
N GLU B 105 -7.12 -22.23 -30.66
CA GLU B 105 -7.57 -23.50 -31.23
C GLU B 105 -8.04 -24.43 -30.13
N LEU B 106 -7.28 -24.54 -29.06
CA LEU B 106 -7.70 -25.38 -27.95
C LEU B 106 -9.00 -24.91 -27.36
N ALA B 107 -9.24 -23.59 -27.38
CA ALA B 107 -10.51 -23.07 -26.87
C ALA B 107 -11.67 -23.46 -27.78
N ARG B 108 -11.49 -23.35 -29.10
CA ARG B 108 -12.50 -23.85 -30.02
C ARG B 108 -12.76 -25.34 -29.78
N ASP B 109 -11.71 -26.18 -29.91
CA ASP B 109 -11.87 -27.62 -29.79
C ASP B 109 -12.58 -28.03 -28.51
N LYS B 110 -12.63 -27.12 -27.53
CA LYS B 110 -13.26 -27.35 -26.25
C LYS B 110 -14.54 -26.57 -26.04
N GLY B 111 -14.93 -25.72 -26.98
CA GLY B 111 -16.16 -24.98 -26.80
C GLY B 111 -16.10 -23.84 -25.80
N ILE B 112 -14.89 -23.42 -25.41
CA ILE B 112 -14.72 -22.37 -24.41
C ILE B 112 -14.91 -21.00 -25.05
N VAL B 113 -15.87 -20.23 -24.54
CA VAL B 113 -16.29 -18.97 -25.15
C VAL B 113 -15.73 -17.77 -24.40
N ARG B 114 -14.44 -17.84 -24.07
CA ARG B 114 -13.78 -16.77 -23.33
C ARG B 114 -12.31 -17.08 -23.12
N LEU B 115 -11.43 -16.35 -23.81
CA LEU B 115 -10.06 -16.21 -23.36
C LEU B 115 -9.93 -14.96 -22.53
N GLU B 116 -9.04 -14.99 -21.57
CA GLU B 116 -8.58 -13.75 -20.96
C GLU B 116 -7.08 -13.80 -20.88
N TRP B 117 -6.49 -12.64 -20.60
CA TRP B 117 -5.07 -12.51 -20.30
C TRP B 117 -4.84 -11.06 -19.89
N ALA B 118 -3.87 -10.85 -19.01
CA ALA B 118 -3.64 -9.51 -18.49
C ALA B 118 -2.29 -9.01 -18.97
N VAL B 119 -2.17 -7.70 -19.07
CA VAL B 119 -1.03 -7.06 -19.72
C VAL B 119 -0.83 -5.65 -19.15
N LEU B 120 0.42 -5.22 -19.09
CA LEU B 120 0.71 -3.88 -18.62
C LEU B 120 0.29 -2.81 -19.60
N ASP B 121 -0.26 -1.73 -19.04
CA ASP B 121 -0.68 -0.57 -19.79
C ASP B 121 0.45 0.00 -20.64
N TRP B 122 1.66 0.03 -20.09
CA TRP B 122 2.80 0.58 -20.81
C TRP B 122 3.46 -0.42 -21.74
N ASN B 123 3.05 -1.68 -21.69
CA ASN B 123 3.66 -2.73 -22.50
C ASN B 123 3.06 -2.77 -23.90
N LYS B 124 3.47 -1.77 -24.71
CA LYS B 124 2.82 -1.54 -25.99
C LYS B 124 3.16 -2.62 -27.03
N ASN B 125 4.23 -3.40 -26.82
CA ASN B 125 4.44 -4.61 -27.61
C ASN B 125 3.24 -5.52 -27.52
N ALA B 126 2.95 -5.98 -26.30
CA ALA B 126 1.87 -6.92 -26.13
C ALA B 126 0.58 -6.35 -26.67
N ILE B 127 0.35 -5.06 -26.43
CA ILE B 127 -0.81 -4.41 -27.01
C ILE B 127 -0.72 -4.43 -28.54
N ALA B 128 0.41 -3.99 -29.10
CA ALA B 128 0.67 -4.15 -30.54
C ALA B 128 0.27 -5.54 -31.03
N LEU B 129 0.82 -6.59 -30.42
CA LEU B 129 0.43 -7.95 -30.79
C LEU B 129 -1.04 -8.17 -30.57
N TYR B 130 -1.49 -8.07 -29.31
CA TYR B 130 -2.89 -8.35 -29.02
C TYR B 130 -3.81 -7.54 -29.92
N ASP B 131 -3.34 -6.40 -30.45
CA ASP B 131 -4.15 -5.58 -31.36
C ASP B 131 -4.55 -6.32 -32.62
N THR B 132 -3.79 -7.35 -33.02
CA THR B 132 -4.12 -8.10 -34.21
C THR B 132 -5.18 -9.19 -33.95
N VAL B 133 -6.11 -8.97 -33.03
CA VAL B 133 -7.33 -9.74 -32.94
C VAL B 133 -8.48 -8.83 -32.53
N ASP B 134 -9.71 -9.36 -32.55
CA ASP B 134 -10.86 -8.65 -32.00
C ASP B 134 -11.01 -9.02 -30.53
N TYR B 135 -10.60 -8.12 -29.63
CA TYR B 135 -10.77 -8.39 -28.22
C TYR B 135 -11.36 -7.18 -27.53
N VAL B 136 -11.80 -7.42 -26.30
CA VAL B 136 -12.32 -6.38 -25.43
C VAL B 136 -11.30 -6.14 -24.32
N ASN B 137 -11.15 -4.88 -23.95
CA ASN B 137 -10.42 -4.52 -22.74
C ASN B 137 -11.45 -4.56 -21.61
N LEU B 138 -11.39 -5.59 -20.76
CA LEU B 138 -12.33 -5.63 -19.65
C LEU B 138 -12.15 -4.44 -18.70
N THR B 139 -10.90 -4.10 -18.37
CA THR B 139 -10.66 -3.04 -17.38
C THR B 139 -11.45 -1.78 -17.72
N LYS B 140 -11.22 -1.23 -18.92
CA LYS B 140 -11.92 -0.02 -19.33
C LYS B 140 -13.43 -0.25 -19.44
N SER B 141 -13.86 -1.20 -20.28
CA SER B 141 -15.28 -1.28 -20.66
C SER B 141 -16.18 -1.29 -19.44
N GLU B 142 -15.91 -2.21 -18.50
CA GLU B 142 -16.79 -2.45 -17.37
C GLU B 142 -16.25 -1.93 -16.06
N GLY B 143 -14.98 -1.53 -16.00
CA GLY B 143 -14.43 -0.95 -14.81
C GLY B 143 -14.10 -1.95 -13.72
N TRP B 144 -13.52 -3.07 -14.08
CA TRP B 144 -13.16 -4.08 -13.10
C TRP B 144 -11.80 -3.76 -12.48
N PHE B 145 -11.74 -3.77 -11.16
CA PHE B 145 -10.44 -3.76 -10.50
C PHE B 145 -10.06 -5.19 -10.15
N THR B 146 -8.79 -5.52 -10.32
CA THR B 146 -8.25 -6.77 -9.79
C THR B 146 -7.51 -6.42 -8.52
N PHE B 147 -7.97 -6.95 -7.39
CA PHE B 147 -7.23 -6.80 -6.15
C PHE B 147 -6.34 -8.03 -5.95
N ARG B 148 -5.15 -7.82 -5.42
CA ARG B 148 -4.26 -8.91 -5.01
C ARG B 148 -3.99 -8.79 -3.53
N MET B 149 -3.68 -9.93 -2.90
CA MET B 149 -3.45 -9.98 -1.46
C MET B 149 -2.34 -10.98 -1.19
N ASP B 150 -1.14 -10.51 -0.87
CA ASP B 150 -0.02 -11.43 -0.81
C ASP B 150 0.02 -12.18 0.51
N GLY B 151 1.07 -12.99 0.67
CA GLY B 151 1.04 -14.08 1.64
C GLY B 151 0.94 -13.63 3.08
N ALA B 152 1.65 -12.54 3.43
CA ALA B 152 1.61 -12.06 4.82
C ALA B 152 0.22 -11.62 5.21
N ALA B 153 -0.45 -10.84 4.34
CA ALA B 153 -1.84 -10.49 4.57
C ALA B 153 -2.78 -11.69 4.45
N ILE B 154 -2.48 -12.68 3.61
CA ILE B 154 -3.29 -13.90 3.57
C ILE B 154 -3.33 -14.54 4.95
N ASN B 155 -2.19 -14.55 5.64
CA ASN B 155 -2.11 -15.22 6.93
C ASN B 155 -2.90 -14.49 8.00
N LYS B 156 -2.57 -13.22 8.25
CA LYS B 156 -3.18 -12.57 9.41
C LYS B 156 -4.69 -12.43 9.24
N PHE B 157 -5.16 -12.34 7.99
CA PHE B 157 -6.60 -12.39 7.78
C PHE B 157 -7.19 -13.75 8.13
N ALA B 158 -6.40 -14.82 8.05
CA ALA B 158 -6.95 -16.09 8.46
C ALA B 158 -6.84 -16.30 9.97
N ASP B 159 -5.73 -15.85 10.56
CA ASP B 159 -5.41 -16.02 11.98
C ASP B 159 -5.95 -14.90 12.87
N GLU B 160 -6.85 -14.07 12.36
CA GLU B 160 -7.66 -13.24 13.23
C GLU B 160 -8.41 -14.18 14.17
N MET C 1 -12.27 -14.37 21.95
CA MET C 1 -11.53 -13.21 21.45
C MET C 1 -12.32 -12.41 20.41
N LYS C 2 -12.53 -11.12 20.66
CA LYS C 2 -12.94 -10.20 19.60
C LYS C 2 -11.74 -9.95 18.71
N ASN C 3 -11.91 -10.27 17.44
CA ASN C 3 -10.80 -10.50 16.51
C ASN C 3 -10.62 -9.23 15.68
N PHE C 4 -9.70 -8.36 16.12
CA PHE C 4 -9.50 -7.04 15.50
C PHE C 4 -8.41 -7.05 14.43
N GLU C 5 -8.74 -6.51 13.26
CA GLU C 5 -7.81 -6.39 12.15
C GLU C 5 -7.26 -4.97 12.07
N ILE C 6 -5.95 -4.87 11.94
CA ILE C 6 -5.26 -3.63 11.62
C ILE C 6 -4.87 -3.70 10.15
N VAL C 7 -5.41 -2.77 9.36
CA VAL C 7 -4.95 -2.57 8.00
C VAL C 7 -3.97 -1.42 8.02
N THR C 8 -3.09 -1.40 7.02
CA THR C 8 -2.46 -0.12 6.77
C THR C 8 -3.46 0.76 6.04
N VAL C 9 -3.21 2.07 6.04
CA VAL C 9 -4.23 3.01 5.58
C VAL C 9 -3.94 3.41 4.13
N THR C 10 -4.98 3.36 3.31
CA THR C 10 -4.98 3.74 1.91
C THR C 10 -5.87 4.96 1.70
N PRO C 11 -5.78 5.58 0.52
CA PRO C 11 -6.75 6.62 0.18
C PRO C 11 -8.20 6.19 0.37
N ASP C 12 -8.51 4.92 0.11
CA ASP C 12 -9.88 4.43 0.32
C ASP C 12 -10.37 4.74 1.73
N HIS C 13 -9.47 4.91 2.68
CA HIS C 13 -9.84 5.02 4.07
C HIS C 13 -10.19 6.43 4.51
N ALA C 14 -9.67 7.45 3.81
CA ALA C 14 -9.93 8.87 4.08
C ALA C 14 -11.24 9.15 4.81
N GLU C 15 -12.30 8.45 4.38
CA GLU C 15 -13.63 8.61 4.93
C GLU C 15 -13.74 8.36 6.42
N GLN C 16 -13.66 7.08 6.84
CA GLN C 16 -13.85 6.76 8.25
C GLN C 16 -12.94 7.62 9.12
N LEU C 17 -11.72 7.88 8.64
CA LEU C 17 -10.77 8.68 9.39
C LEU C 17 -11.34 10.06 9.64
N ILE C 18 -11.72 10.74 8.56
CA ILE C 18 -12.23 12.10 8.67
C ILE C 18 -13.37 12.17 9.67
N SER C 19 -14.13 11.08 9.81
CA SER C 19 -15.16 11.03 10.85
C SER C 19 -14.54 10.93 12.24
N MET C 20 -13.60 10.02 12.41
CA MET C 20 -12.93 9.91 13.69
C MET C 20 -12.07 11.13 14.00
N ILE C 21 -11.65 11.91 12.99
CA ILE C 21 -10.72 13.01 13.28
C ILE C 21 -11.47 14.14 13.93
N HIS C 22 -12.68 14.43 13.47
CA HIS C 22 -13.44 15.51 14.09
C HIS C 22 -14.10 15.08 15.40
N GLU C 23 -14.37 13.78 15.60
CA GLU C 23 -14.76 13.32 16.94
C GLU C 23 -13.75 13.88 17.92
N LEU C 24 -12.52 13.36 17.86
CA LEU C 24 -11.42 13.84 18.71
C LEU C 24 -11.27 15.35 18.73
N ALA C 25 -11.75 16.06 17.70
CA ALA C 25 -11.66 17.52 17.74
C ALA C 25 -12.41 18.11 18.93
N GLU C 26 -13.14 17.28 19.66
CA GLU C 26 -14.04 17.74 20.70
C GLU C 26 -13.58 17.30 22.09
N PHE C 27 -12.81 16.22 22.13
CA PHE C 27 -12.12 15.75 23.35
C PHE C 27 -11.08 16.76 23.82
N GLU C 28 -10.10 17.08 22.98
CA GLU C 28 -9.12 18.10 23.30
C GLU C 28 -9.68 19.52 23.16
N LYS C 29 -11.01 19.62 22.93
CA LYS C 29 -11.82 20.81 23.16
C LYS C 29 -11.56 21.92 22.13
N MET C 30 -11.19 21.55 20.91
CA MET C 30 -10.94 22.50 19.83
C MET C 30 -11.83 22.16 18.66
N LYS C 31 -13.13 22.02 18.98
CA LYS C 31 -14.12 21.40 18.10
C LYS C 31 -14.23 22.09 16.75
N SER C 32 -14.18 23.43 16.72
CA SER C 32 -14.50 24.22 15.55
C SER C 32 -13.43 24.16 14.48
N SER C 33 -12.31 23.47 14.75
CA SER C 33 -11.15 23.46 13.88
C SER C 33 -11.33 22.50 12.70
N VAL C 34 -10.31 21.68 12.43
CA VAL C 34 -10.25 20.69 11.36
C VAL C 34 -10.74 21.23 10.01
N VAL C 35 -9.93 22.06 9.34
CA VAL C 35 -10.21 22.44 7.95
C VAL C 35 -9.77 21.36 6.97
N ASN C 36 -9.23 20.25 7.45
CA ASN C 36 -8.90 19.09 6.65
C ASN C 36 -10.21 18.37 6.34
N THR C 37 -10.42 17.95 5.11
CA THR C 37 -11.63 17.19 4.81
C THR C 37 -11.24 15.88 4.15
N ALA C 38 -12.24 15.06 3.85
CA ALA C 38 -11.95 13.75 3.28
C ALA C 38 -11.17 13.86 1.98
N GLU C 39 -11.70 14.62 1.00
CA GLU C 39 -10.96 14.90 -0.23
C GLU C 39 -9.56 15.40 0.08
N LYS C 40 -9.46 16.38 0.97
CA LYS C 40 -8.17 16.92 1.37
C LYS C 40 -7.28 15.83 1.96
N LEU C 41 -7.87 14.98 2.80
CA LEU C 41 -7.11 13.93 3.48
C LEU C 41 -6.70 12.85 2.49
N ARG C 42 -7.59 12.48 1.57
CA ARG C 42 -7.25 11.48 0.58
C ARG C 42 -6.01 11.86 -0.23
N LYS C 43 -5.95 13.08 -0.78
CA LYS C 43 -4.80 13.38 -1.64
C LYS C 43 -3.53 13.57 -0.84
N ASP C 44 -3.65 13.97 0.44
CA ASP C 44 -2.51 13.97 1.34
C ASP C 44 -1.90 12.57 1.47
N ILE C 45 -2.77 11.55 1.46
CA ILE C 45 -2.31 10.16 1.55
C ILE C 45 -1.61 9.77 0.25
N GLU C 46 -2.32 9.90 -0.88
CA GLU C 46 -1.78 9.52 -2.18
C GLU C 46 -0.34 9.98 -2.29
N ASN C 47 -0.14 11.24 -2.10
CA ASN C 47 1.10 11.95 -2.18
C ASN C 47 2.07 11.59 -1.06
N LYS C 48 1.74 10.61 -0.22
CA LYS C 48 2.59 10.17 0.90
C LYS C 48 2.97 11.33 1.81
N ALA C 49 2.02 12.25 2.02
CA ALA C 49 2.20 13.35 2.96
C ALA C 49 1.87 12.95 4.39
N VAL C 50 1.06 11.91 4.57
CA VAL C 50 0.75 11.33 5.88
C VAL C 50 0.61 9.81 5.72
N HIS C 51 0.82 9.08 6.81
CA HIS C 51 0.71 7.61 6.84
C HIS C 51 -0.08 7.19 8.06
N GLY C 52 -0.47 5.92 8.09
CA GLY C 52 -1.25 5.50 9.24
C GLY C 52 -1.66 4.05 9.18
N PHE C 53 -2.41 3.68 10.21
CA PHE C 53 -3.11 2.41 10.28
C PHE C 53 -4.56 2.69 10.63
N ILE C 54 -5.39 1.68 10.49
CA ILE C 54 -6.75 1.72 10.99
C ILE C 54 -7.06 0.36 11.58
N ALA C 55 -7.72 0.35 12.73
CA ALA C 55 -8.23 -0.89 13.29
C ALA C 55 -9.72 -1.00 12.96
N PHE C 56 -10.09 -2.04 12.23
CA PHE C 56 -11.48 -2.40 11.99
C PHE C 56 -11.84 -3.56 12.90
N ILE C 57 -12.72 -3.33 13.85
CA ILE C 57 -13.35 -4.43 14.55
C ILE C 57 -14.66 -4.71 13.82
N GLY C 58 -14.66 -5.77 13.02
CA GLY C 58 -15.74 -6.04 12.10
C GLY C 58 -15.54 -5.27 10.80
N GLU C 59 -16.63 -4.79 10.22
CA GLU C 59 -16.53 -3.89 9.07
C GLU C 59 -16.63 -2.44 9.52
N GLU C 60 -16.59 -2.19 10.85
CA GLU C 60 -16.65 -0.84 11.38
C GLU C 60 -15.27 -0.37 11.86
N PRO C 61 -14.96 0.92 11.72
CA PRO C 61 -13.73 1.44 12.32
C PRO C 61 -13.83 1.46 13.83
N ALA C 62 -12.67 1.29 14.47
CA ALA C 62 -12.56 1.27 15.94
C ALA C 62 -11.47 2.17 16.46
N GLY C 63 -10.51 2.55 15.64
CA GLY C 63 -9.43 3.42 16.07
C GLY C 63 -8.47 3.63 14.93
N MET C 64 -7.48 4.48 15.18
CA MET C 64 -6.51 4.76 14.14
C MET C 64 -5.18 5.15 14.75
N ASN C 65 -4.14 5.03 13.94
CA ASN C 65 -2.81 5.50 14.28
C ASN C 65 -2.25 6.15 13.02
N LEU C 66 -2.26 7.47 13.00
CA LEU C 66 -1.71 8.26 11.91
C LEU C 66 -0.31 8.66 12.29
N PHE C 67 0.53 8.91 11.29
CA PHE C 67 1.91 9.27 11.56
C PHE C 67 2.54 9.89 10.32
N TYR C 68 3.69 10.50 10.52
CA TYR C 68 4.48 11.04 9.43
C TYR C 68 5.95 10.70 9.69
N TYR C 69 6.80 11.02 8.73
CA TYR C 69 8.23 10.79 8.89
C TYR C 69 8.91 12.15 9.12
N ALA C 70 9.72 12.24 10.17
CA ALA C 70 10.48 13.44 10.50
C ALA C 70 11.97 13.21 10.23
N TYR C 71 12.77 14.27 10.39
CA TYR C 71 14.22 14.19 10.23
C TYR C 71 14.92 14.85 11.40
N SER C 72 15.94 14.18 11.93
CA SER C 72 16.88 14.77 12.89
C SER C 72 18.26 14.68 12.27
N THR C 73 18.92 15.82 12.15
CA THR C 73 20.24 15.86 11.53
C THR C 73 21.21 14.90 12.19
N TRP C 74 20.98 14.53 13.43
CA TRP C 74 21.88 13.60 14.09
C TRP C 74 21.61 12.14 13.72
N VAL C 75 20.36 11.77 13.47
CA VAL C 75 20.04 10.34 13.36
C VAL C 75 19.20 10.05 12.14
N GLY C 76 19.48 10.75 11.04
CA GLY C 76 18.73 10.52 9.82
C GLY C 76 17.22 10.62 9.99
N GLN C 77 16.51 9.82 9.20
CA GLN C 77 15.06 9.82 9.18
C GLN C 77 14.46 9.05 10.35
N TYR C 78 13.35 9.57 10.88
CA TYR C 78 12.64 8.88 11.96
C TYR C 78 11.13 9.05 11.78
N LEU C 79 10.40 8.64 12.81
CA LEU C 79 8.96 8.54 12.82
C LEU C 79 8.37 9.37 13.96
N HIS C 80 7.50 10.31 13.60
CA HIS C 80 6.64 11.03 14.54
C HIS C 80 5.22 10.48 14.40
N MET C 81 4.65 10.02 15.53
CA MET C 81 3.25 9.61 15.60
C MET C 81 2.37 10.82 15.89
N GLU C 82 1.44 11.11 14.98
CA GLU C 82 0.54 12.24 15.19
C GLU C 82 -0.65 11.80 16.02
N ASP C 83 -1.74 11.37 15.40
CA ASP C 83 -2.94 11.00 16.16
C ASP C 83 -3.00 9.49 16.37
N LEU C 84 -3.16 9.07 17.62
CA LEU C 84 -3.44 7.68 17.98
C LEU C 84 -4.78 7.64 18.72
N TYR C 85 -5.87 7.27 18.04
CA TYR C 85 -7.19 7.42 18.63
C TYR C 85 -7.95 6.10 18.56
N ILE C 86 -8.61 5.73 19.66
CA ILE C 86 -9.46 4.57 19.73
C ILE C 86 -10.87 5.07 19.99
N ARG C 87 -11.81 4.83 19.05
CA ARG C 87 -13.19 5.29 19.27
C ARG C 87 -13.69 4.82 20.63
N PRO C 88 -14.68 5.49 21.25
CA PRO C 88 -14.85 5.35 22.72
C PRO C 88 -15.36 3.99 23.22
N GLN C 89 -16.17 3.26 22.45
CA GLN C 89 -16.62 1.97 22.97
C GLN C 89 -15.57 0.88 22.79
N PHE C 90 -14.51 1.14 22.01
CA PHE C 90 -13.40 0.24 21.77
C PHE C 90 -12.15 0.59 22.60
N ARG C 91 -12.29 1.37 23.67
CA ARG C 91 -11.14 1.69 24.51
C ARG C 91 -10.97 0.65 25.59
N ARG C 92 -9.77 0.63 26.17
CA ARG C 92 -9.40 -0.30 27.24
C ARG C 92 -9.56 -1.75 26.85
N MET C 93 -9.87 -2.01 25.58
CA MET C 93 -9.78 -3.34 24.99
C MET C 93 -8.39 -3.60 24.47
N GLY C 94 -7.41 -2.77 24.85
CA GLY C 94 -6.03 -2.96 24.47
C GLY C 94 -5.73 -2.68 23.03
N LEU C 95 -6.75 -2.39 22.22
CA LEU C 95 -6.50 -1.87 20.88
C LEU C 95 -5.75 -0.54 20.96
N ALA C 96 -6.02 0.22 22.04
CA ALA C 96 -5.20 1.31 22.56
C ALA C 96 -3.74 1.11 22.10
N ARG C 97 -3.11 0.03 22.55
CA ARG C 97 -1.68 -0.18 22.43
C ARG C 97 -1.22 -0.87 21.13
N THR C 98 -2.09 -1.64 20.47
CA THR C 98 -1.67 -2.49 19.35
C THR C 98 -1.23 -1.64 18.17
N LEU C 99 -2.05 -0.65 17.81
CA LEU C 99 -1.78 0.27 16.71
C LEU C 99 -0.47 0.99 16.90
N TRP C 100 -0.07 1.23 18.14
CA TRP C 100 1.24 1.80 18.41
C TRP C 100 2.35 0.79 18.19
N LYS C 101 2.12 -0.49 18.46
CA LYS C 101 3.16 -1.49 18.12
C LYS C 101 3.40 -1.50 16.61
N LYS C 102 2.33 -1.60 15.81
CA LYS C 102 2.47 -1.68 14.35
C LYS C 102 3.43 -0.64 13.83
N LEU C 103 3.38 0.56 14.39
CA LEU C 103 4.36 1.57 14.01
C LEU C 103 5.74 1.22 14.55
N ALA C 104 5.84 0.85 15.83
CA ALA C 104 7.12 0.36 16.34
C ALA C 104 7.66 -0.77 15.48
N GLU C 105 6.76 -1.53 14.85
CA GLU C 105 7.18 -2.56 13.92
C GLU C 105 7.78 -1.95 12.65
N LEU C 106 7.02 -1.08 11.97
CA LEU C 106 7.54 -0.46 10.76
C LEU C 106 8.82 0.30 11.04
N ALA C 107 8.95 0.81 12.27
CA ALA C 107 10.18 1.45 12.72
C ALA C 107 11.35 0.46 12.70
N ARG C 108 11.22 -0.61 13.49
CA ARG C 108 12.11 -1.77 13.43
C ARG C 108 12.39 -2.20 12.00
N ASP C 109 11.32 -2.53 11.27
CA ASP C 109 11.45 -2.96 9.89
C ASP C 109 12.28 -1.98 9.07
N LYS C 110 11.93 -0.70 9.11
CA LYS C 110 12.61 0.27 8.27
C LYS C 110 13.90 0.77 8.90
N GLY C 111 14.38 0.12 9.95
CA GLY C 111 15.61 0.55 10.57
C GLY C 111 15.52 1.87 11.31
N ILE C 112 14.34 2.49 11.36
CA ILE C 112 14.21 3.79 11.99
C ILE C 112 14.45 3.66 13.49
N VAL C 113 15.23 4.59 14.03
CA VAL C 113 15.82 4.44 15.35
C VAL C 113 15.20 5.40 16.37
N ARG C 114 14.14 6.12 15.99
CA ARG C 114 13.55 7.08 16.93
C ARG C 114 12.06 7.28 16.66
N LEU C 115 11.22 6.93 17.64
CA LEU C 115 9.89 7.49 17.78
C LEU C 115 9.87 8.82 18.48
N GLU C 116 8.95 9.65 18.04
CA GLU C 116 8.51 10.79 18.80
C GLU C 116 6.99 10.89 18.67
N TRP C 117 6.38 11.52 19.66
CA TRP C 117 4.98 11.89 19.61
C TRP C 117 4.75 12.85 20.76
N ALA C 118 3.84 13.79 20.56
CA ALA C 118 3.53 14.73 21.61
C ALA C 118 2.23 14.35 22.27
N VAL C 119 2.01 14.90 23.47
CA VAL C 119 0.85 14.53 24.27
C VAL C 119 0.62 15.63 25.30
N LEU C 120 -0.65 15.85 25.63
CA LEU C 120 -1.03 16.85 26.63
C LEU C 120 -0.75 16.33 28.03
N ASP C 121 -0.13 17.19 28.86
CA ASP C 121 0.16 16.86 30.25
C ASP C 121 -1.09 16.50 31.05
N TRP C 122 -2.24 17.12 30.74
CA TRP C 122 -3.48 16.88 31.47
C TRP C 122 -4.22 15.62 31.00
N ASN C 123 -3.91 15.14 29.79
CA ASN C 123 -4.47 13.91 29.22
C ASN C 123 -3.81 12.71 29.91
N LYS C 124 -4.32 12.35 31.09
CA LYS C 124 -3.66 11.32 31.87
C LYS C 124 -3.90 9.90 31.36
N ASN C 125 -4.97 9.66 30.61
CA ASN C 125 -5.09 8.39 29.93
C ASN C 125 -3.97 8.17 28.94
N ALA C 126 -3.70 9.18 28.09
CA ALA C 126 -2.67 9.01 27.09
C ALA C 126 -1.30 8.78 27.72
N ILE C 127 -1.05 9.36 28.89
CA ILE C 127 0.26 9.10 29.48
C ILE C 127 0.28 7.75 30.19
N ALA C 128 -0.87 7.21 30.57
CA ALA C 128 -0.90 5.86 31.14
C ALA C 128 -0.46 4.82 30.12
N LEU C 129 -1.00 4.93 28.90
CA LEU C 129 -0.64 4.00 27.83
C LEU C 129 0.85 4.06 27.52
N TYR C 130 1.39 5.28 27.37
CA TYR C 130 2.81 5.41 27.05
C TYR C 130 3.70 4.92 28.19
N ASP C 131 3.19 4.89 29.44
CA ASP C 131 4.01 4.46 30.58
C ASP C 131 4.37 2.99 30.50
N THR C 132 3.48 2.17 29.92
CA THR C 132 3.71 0.75 29.74
C THR C 132 4.67 0.48 28.60
N VAL C 133 5.46 1.48 28.22
CA VAL C 133 6.68 1.24 27.47
C VAL C 133 7.76 2.13 28.07
N ASP C 134 8.90 2.16 27.42
CA ASP C 134 10.05 2.92 27.87
C ASP C 134 10.22 4.10 26.93
N TYR C 135 10.16 5.30 27.46
CA TYR C 135 10.24 6.49 26.63
C TYR C 135 10.88 7.57 27.48
N VAL C 136 10.98 8.76 26.91
CA VAL C 136 11.59 9.91 27.59
C VAL C 136 10.70 11.14 27.38
N ASN C 137 10.74 12.05 28.33
CA ASN C 137 9.98 13.30 28.19
C ASN C 137 10.97 14.42 27.93
N LEU C 138 11.28 14.65 26.65
CA LEU C 138 12.20 15.73 26.30
C LEU C 138 11.85 17.06 26.94
N THR C 139 10.56 17.32 27.15
CA THR C 139 10.16 18.53 27.84
C THR C 139 10.89 18.57 29.18
N LYS C 140 10.53 17.68 30.12
CA LYS C 140 11.14 17.63 31.46
C LYS C 140 12.61 17.18 31.46
N SER C 141 13.15 16.74 30.32
CA SER C 141 14.47 16.10 30.23
C SER C 141 15.56 17.00 29.67
N GLU C 142 15.28 17.63 28.53
CA GLU C 142 16.24 18.45 27.82
C GLU C 142 15.88 19.93 27.88
N GLY C 143 14.62 20.25 28.17
CA GLY C 143 14.14 21.61 28.05
C GLY C 143 13.84 22.03 26.64
N TRP C 144 13.24 21.16 25.84
CA TRP C 144 12.86 21.55 24.49
C TRP C 144 11.53 22.27 24.54
N PHE C 145 11.49 23.49 24.02
CA PHE C 145 10.25 24.14 23.69
C PHE C 145 9.98 23.93 22.21
N THR C 146 8.70 23.80 21.86
CA THR C 146 8.27 23.80 20.46
C THR C 146 7.55 25.10 20.19
N PHE C 147 7.99 25.82 19.16
CA PHE C 147 7.32 27.06 18.76
C PHE C 147 6.41 26.77 17.57
N ARG C 148 5.14 27.16 17.70
CA ARG C 148 4.23 27.15 16.56
C ARG C 148 4.23 28.58 15.99
N MET C 149 3.68 28.72 14.79
CA MET C 149 3.61 30.04 14.15
C MET C 149 2.45 29.96 13.17
N ASP C 150 1.33 30.63 13.48
CA ASP C 150 0.13 30.61 12.64
C ASP C 150 0.41 30.87 11.17
N GLY C 151 -0.61 30.76 10.34
CA GLY C 151 -0.47 31.23 8.98
C GLY C 151 -0.26 32.72 8.91
N ALA C 152 -1.07 33.49 9.65
CA ALA C 152 -0.97 34.94 9.63
C ALA C 152 0.43 35.41 9.99
N ALA C 153 0.93 34.97 11.16
CA ALA C 153 2.29 35.30 11.55
C ALA C 153 3.31 34.90 10.48
N ILE C 154 3.07 33.79 9.74
CA ILE C 154 3.98 33.37 8.67
C ILE C 154 3.91 34.33 7.48
N ASN C 155 2.70 34.55 6.94
CA ASN C 155 2.58 35.40 5.77
C ASN C 155 3.14 36.79 6.03
N LYS C 156 2.78 37.39 7.17
CA LYS C 156 3.30 38.70 7.51
C LYS C 156 4.82 38.66 7.54
N PHE C 157 5.39 37.64 8.15
CA PHE C 157 6.84 37.53 8.18
C PHE C 157 7.46 37.32 6.80
N ALA C 158 6.69 36.92 5.81
CA ALA C 158 7.30 36.60 4.52
C ALA C 158 7.30 37.79 3.57
N ASP C 159 6.16 38.45 3.42
CA ASP C 159 5.95 39.59 2.54
C ASP C 159 6.61 40.88 3.03
N GLU C 160 7.50 40.77 4.01
CA GLU C 160 8.25 41.90 4.49
C GLU C 160 9.36 42.20 3.50
N MET D 1 28.00 46.47 3.52
CA MET D 1 27.34 45.19 3.77
C MET D 1 28.10 44.08 3.09
N LYS D 2 28.17 42.91 3.74
CA LYS D 2 28.66 41.72 3.06
C LYS D 2 27.52 40.98 2.42
N ASN D 3 27.74 40.59 1.17
CA ASN D 3 26.73 39.90 0.39
C ASN D 3 26.64 38.42 0.78
N PHE D 4 25.41 37.95 0.94
CA PHE D 4 25.10 36.56 1.20
C PHE D 4 24.22 36.03 0.09
N GLU D 5 24.52 34.81 -0.35
CA GLU D 5 23.76 34.18 -1.42
C GLU D 5 23.17 32.88 -0.90
N ILE D 6 21.85 32.85 -0.78
CA ILE D 6 21.12 31.65 -0.39
C ILE D 6 20.83 30.86 -1.66
N VAL D 7 21.05 29.56 -1.59
CA VAL D 7 20.64 28.63 -2.63
C VAL D 7 20.02 27.44 -1.92
N THR D 8 19.04 26.81 -2.57
CA THR D 8 18.43 25.64 -1.98
C THR D 8 19.43 24.48 -1.98
N VAL D 9 19.22 23.54 -1.05
CA VAL D 9 20.10 22.38 -0.94
C VAL D 9 19.90 21.49 -2.16
N THR D 10 21.08 21.19 -2.92
CA THR D 10 21.24 20.10 -3.88
C THR D 10 22.00 18.97 -3.21
N PRO D 11 21.72 17.72 -3.58
CA PRO D 11 22.43 16.58 -2.97
C PRO D 11 23.90 16.85 -2.71
N ASP D 12 24.47 17.61 -3.62
CA ASP D 12 25.91 17.83 -3.68
C ASP D 12 26.47 18.37 -2.37
N HIS D 13 25.69 19.16 -1.65
CA HIS D 13 26.22 19.92 -0.52
C HIS D 13 26.59 19.09 0.69
N ALA D 14 26.38 17.76 0.65
CA ALA D 14 26.39 17.01 1.90
C ALA D 14 27.69 17.18 2.70
N GLU D 15 28.77 17.65 2.08
CA GLU D 15 30.02 17.78 2.81
C GLU D 15 30.00 18.93 3.79
N GLN D 16 29.87 20.16 3.29
CA GLN D 16 29.84 21.32 4.18
C GLN D 16 28.80 21.09 5.27
N LEU D 17 27.61 20.66 4.86
CA LEU D 17 26.56 20.36 5.82
C LEU D 17 27.05 19.37 6.87
N ILE D 18 27.75 18.33 6.45
CA ILE D 18 28.25 17.36 7.42
C ILE D 18 29.36 17.98 8.25
N SER D 19 30.19 18.84 7.62
CA SER D 19 31.12 19.62 8.40
C SER D 19 30.37 20.44 9.45
N MET D 20 29.30 21.12 9.02
CA MET D 20 28.64 22.09 9.90
C MET D 20 27.89 21.41 11.04
N ILE D 21 27.28 20.25 10.80
CA ILE D 21 26.51 19.61 11.86
C ILE D 21 27.40 19.23 13.02
N HIS D 22 28.67 18.91 12.75
CA HIS D 22 29.60 18.58 13.84
C HIS D 22 29.65 19.72 14.85
N GLU D 23 29.87 20.93 14.36
CA GLU D 23 29.88 22.11 15.23
C GLU D 23 28.58 22.21 16.02
N LEU D 24 27.44 22.04 15.36
CA LEU D 24 26.15 22.25 16.02
C LEU D 24 25.94 21.29 17.17
N ALA D 25 26.43 20.06 17.03
CA ALA D 25 26.46 19.17 18.19
C ALA D 25 27.37 19.75 19.28
N GLU D 26 28.35 20.57 18.90
CA GLU D 26 29.22 21.15 19.92
C GLU D 26 28.52 22.28 20.66
N PHE D 27 27.98 23.26 19.91
CA PHE D 27 27.28 24.41 20.48
C PHE D 27 26.23 23.98 21.50
N GLU D 28 25.61 22.82 21.30
CA GLU D 28 24.59 22.33 22.21
C GLU D 28 25.19 21.50 23.34
N LYS D 29 26.51 21.57 23.53
CA LYS D 29 27.26 20.80 24.55
C LYS D 29 26.82 19.33 24.57
N MET D 30 26.69 18.73 23.36
CA MET D 30 26.17 17.35 23.18
C MET D 30 26.97 16.71 22.03
N LYS D 31 28.17 16.26 22.36
CA LYS D 31 29.17 15.92 21.36
C LYS D 31 28.88 14.58 20.69
N SER D 32 28.40 13.59 21.47
CA SER D 32 28.39 12.17 21.09
C SER D 32 27.34 11.79 20.05
N SER D 33 26.25 12.57 19.92
CA SER D 33 25.03 12.31 19.14
C SER D 33 25.25 12.20 17.59
N VAL D 34 26.48 12.13 17.06
CA VAL D 34 26.69 12.20 15.62
C VAL D 34 26.80 10.76 15.12
N VAL D 35 25.80 10.31 14.37
CA VAL D 35 25.81 8.96 13.81
C VAL D 35 25.24 9.08 12.41
N ASN D 36 25.06 10.31 11.95
CA ASN D 36 24.68 10.58 10.57
C ASN D 36 25.94 11.00 9.84
N THR D 37 26.34 10.21 8.86
CA THR D 37 27.54 10.45 8.09
C THR D 37 27.21 11.25 6.84
N ALA D 38 28.24 11.89 6.28
CA ALA D 38 28.08 12.67 5.06
C ALA D 38 27.40 11.85 3.96
N GLU D 39 27.82 10.59 3.83
CA GLU D 39 27.36 9.73 2.76
C GLU D 39 25.90 9.33 2.97
N LYS D 40 25.55 8.94 4.22
CA LYS D 40 24.16 8.62 4.57
C LYS D 40 23.24 9.77 4.19
N LEU D 41 23.57 10.98 4.67
CA LEU D 41 22.81 12.20 4.38
C LEU D 41 22.77 12.50 2.89
N ARG D 42 23.87 12.27 2.16
CA ARG D 42 23.86 12.48 0.72
C ARG D 42 22.59 11.97 0.09
N LYS D 43 22.26 10.70 0.34
CA LYS D 43 21.04 10.12 -0.20
C LYS D 43 19.78 10.68 0.45
N ASP D 44 19.85 11.05 1.73
CA ASP D 44 18.69 11.56 2.47
C ASP D 44 18.04 12.77 1.80
N ILE D 45 18.66 13.33 0.76
CA ILE D 45 18.18 14.57 0.13
C ILE D 45 17.58 14.33 -1.25
N GLU D 46 18.12 13.38 -2.03
CA GLU D 46 17.49 13.03 -3.31
C GLU D 46 16.16 12.34 -3.06
N ASN D 47 16.06 11.63 -1.94
CA ASN D 47 14.85 10.99 -1.46
C ASN D 47 13.83 11.98 -0.97
N LYS D 48 14.23 13.25 -0.77
CA LYS D 48 13.35 14.31 -0.29
C LYS D 48 12.90 14.04 1.14
N ALA D 49 13.77 13.36 1.89
CA ALA D 49 13.59 13.15 3.32
C ALA D 49 14.13 14.30 4.16
N VAL D 50 14.73 15.30 3.52
CA VAL D 50 15.17 16.51 4.21
C VAL D 50 15.42 17.57 3.14
N HIS D 51 15.13 18.82 3.48
CA HIS D 51 15.35 19.96 2.61
C HIS D 51 16.12 21.02 3.38
N GLY D 52 16.38 22.15 2.72
CA GLY D 52 17.12 23.20 3.38
C GLY D 52 17.46 24.35 2.46
N PHE D 53 18.25 25.29 3.03
CA PHE D 53 18.85 26.42 2.33
C PHE D 53 20.23 26.61 2.94
N ILE D 54 21.24 26.84 2.10
CA ILE D 54 22.61 26.98 2.60
C ILE D 54 23.10 28.40 2.38
N ALA D 55 23.74 28.94 3.43
CA ALA D 55 24.24 30.30 3.42
C ALA D 55 25.65 30.30 2.84
N PHE D 56 25.84 31.02 1.74
CA PHE D 56 27.15 31.22 1.14
C PHE D 56 27.45 32.71 1.03
N ILE D 57 28.51 33.13 1.69
CA ILE D 57 29.28 34.32 1.33
C ILE D 57 30.52 33.83 0.56
N GLY D 58 30.66 34.27 -0.69
CA GLY D 58 31.77 33.78 -1.50
C GLY D 58 31.60 32.30 -1.81
N GLU D 59 32.67 31.54 -1.55
CA GLU D 59 32.66 30.09 -1.72
C GLU D 59 32.48 29.32 -0.41
N GLU D 60 32.71 29.95 0.74
CA GLU D 60 32.72 29.15 1.95
C GLU D 60 31.28 28.89 2.43
N PRO D 61 31.01 27.70 2.98
CA PRO D 61 29.75 27.53 3.73
C PRO D 61 29.66 28.52 4.89
N ALA D 62 28.47 29.11 5.07
CA ALA D 62 28.22 30.12 6.10
C ALA D 62 27.24 29.65 7.15
N GLY D 63 26.04 29.23 6.76
CA GLY D 63 25.06 28.71 7.69
C GLY D 63 24.08 27.81 6.97
N MET D 64 23.18 27.20 7.73
CA MET D 64 22.26 26.25 7.14
C MET D 64 20.90 26.33 7.84
N ASN D 65 19.86 26.06 7.06
CA ASN D 65 18.51 25.90 7.57
C ASN D 65 18.00 24.57 7.06
N LEU D 66 17.69 23.64 7.96
CA LEU D 66 17.28 22.29 7.59
C LEU D 66 15.87 22.06 8.10
N PHE D 67 15.00 21.52 7.25
CA PHE D 67 13.59 21.53 7.57
C PHE D 67 12.88 20.45 6.78
N TYR D 68 11.85 19.85 7.40
CA TYR D 68 11.05 18.82 6.75
C TYR D 68 9.57 19.18 6.79
N TYR D 69 8.82 18.51 5.93
CA TYR D 69 7.37 18.62 5.94
C TYR D 69 6.83 17.66 6.99
N ALA D 70 6.03 18.19 7.90
CA ALA D 70 5.31 17.33 8.83
C ALA D 70 3.85 17.28 8.40
N TYR D 71 3.02 16.70 9.25
CA TYR D 71 1.58 16.65 9.01
C TYR D 71 0.89 16.89 10.33
N SER D 72 -0.17 17.67 10.29
CA SER D 72 -1.11 17.70 11.39
C SER D 72 -2.47 17.32 10.85
N THR D 73 -3.08 16.33 11.47
CA THR D 73 -4.45 15.93 11.16
C THR D 73 -5.40 17.11 11.11
N TRP D 74 -5.01 18.22 11.72
CA TRP D 74 -5.86 19.36 11.93
C TRP D 74 -5.79 20.30 10.73
N VAL D 75 -4.58 20.51 10.20
CA VAL D 75 -4.31 21.55 9.21
C VAL D 75 -3.46 21.00 8.07
N GLY D 76 -3.46 19.68 7.90
CA GLY D 76 -2.71 19.08 6.80
C GLY D 76 -1.18 19.18 6.89
N GLN D 77 -0.54 19.11 5.73
CA GLN D 77 0.90 19.23 5.68
C GLN D 77 1.34 20.64 6.10
N TYR D 78 2.34 20.70 6.96
CA TYR D 78 3.00 21.95 7.33
C TYR D 78 4.51 21.73 7.35
N LEU D 79 5.25 22.76 7.72
CA LEU D 79 6.70 22.72 7.73
C LEU D 79 7.22 22.73 9.16
N HIS D 80 8.14 21.84 9.45
CA HIS D 80 8.90 21.86 10.69
C HIS D 80 10.30 22.34 10.38
N MET D 81 10.93 23.00 11.32
CA MET D 81 12.29 23.45 11.13
C MET D 81 13.21 22.66 12.05
N GLU D 82 14.25 22.08 11.48
CA GLU D 82 15.18 21.27 12.26
C GLU D 82 16.38 22.09 12.77
N ASP D 83 17.32 22.38 11.88
CA ASP D 83 18.55 23.09 12.22
C ASP D 83 18.60 24.45 11.55
N LEU D 84 18.73 25.48 12.36
CA LEU D 84 19.07 26.82 11.90
C LEU D 84 20.36 27.16 12.63
N TYR D 85 21.47 26.98 11.95
CA TYR D 85 22.77 27.16 12.56
C TYR D 85 23.60 28.05 11.66
N ILE D 86 24.33 28.97 12.28
CA ILE D 86 25.21 29.88 11.58
C ILE D 86 26.60 29.77 12.19
N ARG D 87 27.61 29.58 11.34
CA ARG D 87 28.99 29.49 11.79
C ARG D 87 29.32 30.66 12.72
N PRO D 88 29.92 30.41 13.89
CA PRO D 88 30.15 31.51 14.84
C PRO D 88 30.86 32.71 14.22
N GLN D 89 31.68 32.48 13.19
CA GLN D 89 32.35 33.61 12.55
C GLN D 89 31.43 34.41 11.64
N PHE D 90 30.19 33.97 11.41
CA PHE D 90 29.27 34.71 10.55
C PHE D 90 27.96 35.09 11.26
N ARG D 91 27.87 34.92 12.58
CA ARG D 91 26.61 35.11 13.30
C ARG D 91 26.28 36.58 13.51
N ARG D 92 25.05 36.81 13.96
CA ARG D 92 24.51 38.16 14.13
C ARG D 92 24.60 39.07 12.92
N MET D 93 24.92 38.54 11.76
CA MET D 93 24.70 39.29 10.53
C MET D 93 23.31 39.07 9.99
N GLY D 94 22.40 38.53 10.81
CA GLY D 94 21.03 38.39 10.40
C GLY D 94 20.72 37.24 9.49
N LEU D 95 21.74 36.49 9.02
CA LEU D 95 21.48 35.14 8.52
C LEU D 95 20.67 34.33 9.51
N ALA D 96 20.90 34.58 10.79
CA ALA D 96 20.01 34.16 11.85
C ALA D 96 18.58 34.21 11.33
N ARG D 97 18.04 35.42 11.18
CA ARG D 97 16.66 35.59 10.73
C ARG D 97 16.49 35.32 9.22
N THR D 98 17.56 35.52 8.43
CA THR D 98 17.45 35.52 6.97
C THR D 98 17.05 34.16 6.43
N LEU D 99 17.86 33.15 6.74
CA LEU D 99 17.56 31.77 6.40
C LEU D 99 16.17 31.39 6.82
N TRP D 100 15.87 31.60 8.10
CA TRP D 100 14.55 31.38 8.64
C TRP D 100 13.46 32.07 7.83
N LYS D 101 13.77 33.24 7.26
CA LYS D 101 12.75 33.92 6.46
C LYS D 101 12.48 33.18 5.16
N LYS D 102 13.53 32.64 4.54
CA LYS D 102 13.31 31.93 3.27
C LYS D 102 12.36 30.76 3.48
N LEU D 103 12.45 30.11 4.65
CA LEU D 103 11.55 29.01 4.96
C LEU D 103 10.11 29.49 5.16
N ALA D 104 9.92 30.75 5.57
CA ALA D 104 8.57 31.27 5.72
C ALA D 104 8.02 31.82 4.42
N GLU D 105 8.90 32.31 3.54
CA GLU D 105 8.47 32.72 2.20
C GLU D 105 7.87 31.53 1.43
N LEU D 106 8.52 30.37 1.51
CA LEU D 106 7.98 29.12 0.93
C LEU D 106 6.59 28.81 1.47
N ALA D 107 6.50 28.59 2.79
CA ALA D 107 5.25 28.17 3.41
C ALA D 107 4.11 29.09 3.01
N ARG D 108 4.40 30.38 2.86
CA ARG D 108 3.44 31.28 2.24
C ARG D 108 3.05 30.77 0.87
N ASP D 109 4.04 30.48 0.03
CA ASP D 109 3.74 30.14 -1.36
C ASP D 109 3.06 28.78 -1.46
N LYS D 110 3.57 27.77 -0.76
CA LYS D 110 2.85 26.50 -0.71
C LYS D 110 1.45 26.62 -0.14
N GLY D 111 1.15 27.65 0.62
CA GLY D 111 -0.10 27.65 1.35
C GLY D 111 0.00 26.98 2.70
N ILE D 112 1.20 26.92 3.26
CA ILE D 112 1.43 26.29 4.57
C ILE D 112 1.17 27.32 5.67
N VAL D 113 0.55 26.85 6.75
CA VAL D 113 -0.13 27.68 7.74
C VAL D 113 0.29 27.29 9.16
N ARG D 114 1.44 26.60 9.30
CA ARG D 114 2.14 26.38 10.58
C ARG D 114 3.59 26.03 10.31
N LEU D 115 4.51 26.91 10.68
CA LEU D 115 5.86 26.45 10.97
C LEU D 115 5.91 25.97 12.39
N GLU D 116 6.83 25.06 12.65
CA GLU D 116 7.17 24.70 14.01
C GLU D 116 8.64 24.36 14.07
N TRP D 117 9.23 24.60 15.23
CA TRP D 117 10.63 24.30 15.44
C TRP D 117 10.87 24.25 16.93
N ALA D 118 11.82 23.43 17.32
CA ALA D 118 12.12 23.24 18.72
C ALA D 118 13.40 23.97 19.06
N VAL D 119 13.59 24.21 20.35
CA VAL D 119 14.74 24.96 20.81
C VAL D 119 14.96 24.61 22.27
N LEU D 120 16.21 24.66 22.70
CA LEU D 120 16.52 24.50 24.10
C LEU D 120 16.19 25.75 24.91
N ASP D 121 15.84 25.53 26.18
CA ASP D 121 15.42 26.60 27.07
C ASP D 121 16.57 27.47 27.56
N TRP D 122 17.78 26.93 27.61
CA TRP D 122 18.91 27.75 28.01
C TRP D 122 19.50 28.53 26.85
N ASN D 123 19.11 28.20 25.62
CA ASN D 123 19.64 28.89 24.45
C ASN D 123 19.03 30.29 24.39
N LYS D 124 19.41 31.14 25.35
CA LYS D 124 18.87 32.50 25.41
C LYS D 124 19.18 33.30 24.17
N ASN D 125 20.29 33.00 23.49
CA ASN D 125 20.64 33.70 22.25
C ASN D 125 19.67 33.35 21.12
N ALA D 126 19.42 32.06 20.90
CA ALA D 126 18.55 31.67 19.79
C ALA D 126 17.11 32.07 20.07
N ILE D 127 16.71 32.06 21.34
CA ILE D 127 15.35 32.51 21.67
C ILE D 127 15.21 34.01 21.40
N ALA D 128 16.27 34.78 21.66
CA ALA D 128 16.22 36.21 21.43
C ALA D 128 15.89 36.54 19.98
N LEU D 129 16.48 35.80 19.03
CA LEU D 129 16.12 35.95 17.62
C LEU D 129 14.64 35.69 17.38
N TYR D 130 14.11 34.58 17.94
CA TYR D 130 12.72 34.19 17.74
C TYR D 130 11.74 35.25 18.24
N ASP D 131 12.08 35.94 19.32
CA ASP D 131 11.25 37.00 19.90
C ASP D 131 10.86 38.06 18.87
N THR D 132 11.56 38.12 17.73
CA THR D 132 11.34 39.14 16.70
C THR D 132 10.28 38.73 15.67
N VAL D 133 9.52 37.67 15.92
CA VAL D 133 8.26 37.41 15.22
C VAL D 133 7.26 36.90 16.24
N ASP D 134 6.03 36.70 15.78
CA ASP D 134 4.96 36.19 16.62
C ASP D 134 5.02 34.67 16.65
N TYR D 135 5.05 34.07 17.85
CA TYR D 135 5.09 32.62 17.96
C TYR D 135 4.48 32.20 19.29
N VAL D 136 3.65 31.13 19.27
CA VAL D 136 3.14 30.52 20.50
C VAL D 136 4.18 29.55 21.03
N ASN D 137 4.20 29.34 22.33
CA ASN D 137 5.11 28.40 22.96
C ASN D 137 4.31 27.19 23.39
N LEU D 138 4.25 26.20 22.51
CA LEU D 138 3.34 25.07 22.67
C LEU D 138 3.46 24.41 24.04
N THR D 139 4.69 24.32 24.57
CA THR D 139 4.86 23.87 25.95
C THR D 139 3.95 24.67 26.88
N LYS D 140 4.09 25.99 26.86
CA LYS D 140 3.46 26.76 27.93
C LYS D 140 2.01 27.14 27.63
N SER D 141 1.64 27.41 26.38
CA SER D 141 0.24 27.80 26.13
C SER D 141 -0.68 26.61 26.27
N GLU D 142 -0.29 25.45 25.72
CA GLU D 142 -1.18 24.32 25.58
C GLU D 142 -0.70 23.07 26.31
N GLY D 143 0.48 23.12 26.96
CA GLY D 143 0.89 22.08 27.89
C GLY D 143 1.55 20.87 27.30
N TRP D 144 2.13 20.96 26.11
CA TRP D 144 2.57 19.75 25.42
C TRP D 144 3.84 19.16 26.05
N PHE D 145 3.92 17.84 25.97
CA PHE D 145 5.10 17.00 26.19
C PHE D 145 5.48 16.30 24.89
N THR D 146 6.77 16.26 24.61
CA THR D 146 7.28 15.47 23.52
C THR D 146 7.97 14.23 24.09
N PHE D 147 7.47 13.06 23.71
CA PHE D 147 8.03 11.77 24.11
C PHE D 147 8.85 11.16 22.99
N ARG D 148 10.04 10.65 23.35
CA ARG D 148 10.96 10.00 22.42
C ARG D 148 11.22 8.58 22.85
N MET D 149 11.42 7.70 21.86
CA MET D 149 11.66 6.29 22.11
C MET D 149 12.77 5.86 21.16
N ASP D 150 13.91 5.40 21.71
CA ASP D 150 15.08 5.06 20.90
C ASP D 150 15.16 3.58 20.53
N GLY D 151 16.15 3.28 19.70
CA GLY D 151 16.28 1.94 19.14
C GLY D 151 16.21 0.84 20.17
N ALA D 152 17.02 0.97 21.24
CA ALA D 152 16.90 0.08 22.40
C ALA D 152 15.44 -0.11 22.79
N ALA D 153 14.71 0.99 22.99
CA ALA D 153 13.31 0.92 23.37
C ALA D 153 12.39 0.56 22.21
N ILE D 154 12.72 0.97 20.97
CA ILE D 154 11.83 0.71 19.85
C ILE D 154 11.69 -0.78 19.60
N ASN D 155 12.81 -1.49 19.60
CA ASN D 155 12.80 -2.90 19.26
C ASN D 155 12.16 -3.74 20.37
N LYS D 156 12.58 -3.52 21.62
CA LYS D 156 12.01 -4.22 22.76
C LYS D 156 10.49 -4.20 22.70
N PHE D 157 9.91 -3.03 22.49
CA PHE D 157 8.47 -2.94 22.33
C PHE D 157 8.00 -3.63 21.06
N ALA D 158 8.79 -3.54 20.00
CA ALA D 158 8.32 -4.00 18.70
C ALA D 158 8.50 -5.49 18.51
N ASP D 159 9.40 -6.09 19.29
CA ASP D 159 9.64 -7.53 19.30
C ASP D 159 8.82 -8.23 20.38
N GLU D 160 8.19 -7.45 21.25
CA GLU D 160 7.24 -7.88 22.24
C GLU D 160 5.95 -8.41 21.63
#